data_6H5J
#
_entry.id   6H5J
#
_cell.length_a   42.498
_cell.length_b   46.598
_cell.length_c   114.491
_cell.angle_alpha   90.00
_cell.angle_beta   90.00
_cell.angle_gamma   90.00
#
_symmetry.space_group_name_H-M   'P 2 21 21'
#
loop_
_entity.id
_entity.type
_entity.pdbx_description
1 polymer '3-dehydroquinate dehydratase'
2 non-polymer '(3~{R})-3,4,5-tris(hydroxyl)cyclohexane-1-carboxylic acid'
3 water water
#
_entity_poly.entity_id   1
_entity_poly.type   'polypeptide(L)'
_entity_poly.pdbx_seq_one_letter_code
;MKTVTVKNLIIGEGMPKIIVSLMGRDINSVKAEALAYREATFDILEWRVDHFMDIASTQSVLTAARVIRDAMPDIPLLFT
FRSAKEGGEQTITTQHYLTLNRAAIDSGLVDMIDLELFTGDADVKATVDYAHAHNVYVVMSNHDFHQTPSAEEMVLRLRK
MQALGADIPKIAVMPQSKHDVLTLLTATLEMQQHYADRPVITMSMAKEGVISRLAGEVFGSAATFGAVKQASAPGQIAVN
DLRSVLMILHNA
;
_entity_poly.pdbx_strand_id   A
#
loop_
_chem_comp.id
_chem_comp.type
_chem_comp.name
_chem_comp.formula
FT5 non-polymer '(3~{R})-3,4,5-tris(hydroxyl)cyclohexane-1-carboxylic acid' 'C7 H12 O5'
#
# COMPACT_ATOMS: atom_id res chain seq x y z
N MET A 1 17.04 10.67 -4.02
CA MET A 1 15.62 10.24 -4.02
C MET A 1 15.12 10.10 -5.45
N LYS A 2 14.54 8.97 -5.74
CA LYS A 2 13.88 8.73 -6.99
C LYS A 2 12.35 8.66 -6.70
N THR A 3 11.63 9.72 -6.98
CA THR A 3 10.20 9.76 -6.75
C THR A 3 9.47 8.86 -7.74
N VAL A 4 8.20 8.61 -7.44
CA VAL A 4 7.36 7.78 -8.29
C VAL A 4 6.14 8.58 -8.71
N THR A 5 6.02 8.81 -10.00
CA THR A 5 4.89 9.57 -10.51
C THR A 5 3.93 8.64 -11.22
N VAL A 6 2.71 8.63 -10.72
CA VAL A 6 1.61 7.87 -11.32
CA VAL A 6 1.62 7.87 -11.29
C VAL A 6 0.49 8.86 -11.59
N LYS A 7 0.05 8.91 -12.84
CA LYS A 7 -1.02 9.80 -13.27
C LYS A 7 -0.88 11.20 -12.70
N ASN A 8 0.25 11.83 -12.87
CA ASN A 8 0.40 13.19 -12.26
C ASN A 8 0.29 13.34 -10.71
N LEU A 9 0.42 12.24 -9.99
CA LEU A 9 0.62 12.25 -8.56
C LEU A 9 2.08 11.91 -8.34
N ILE A 10 2.78 12.75 -7.58
CA ILE A 10 4.21 12.52 -7.29
C ILE A 10 4.37 12.01 -5.87
N ILE A 11 4.72 10.74 -5.78
CA ILE A 11 4.89 10.08 -4.49
C ILE A 11 6.34 10.28 -4.05
N GLY A 12 6.54 10.86 -2.86
CA GLY A 12 7.88 11.12 -2.36
C GLY A 12 8.26 12.60 -2.37
N GLU A 13 7.31 13.47 -2.68
CA GLU A 13 7.47 14.92 -2.55
C GLU A 13 6.25 15.44 -1.83
N GLY A 14 6.35 16.59 -1.20
CA GLY A 14 5.18 17.25 -0.67
C GLY A 14 4.48 16.53 0.46
N MET A 15 3.18 16.71 0.50
CA MET A 15 2.33 16.14 1.55
C MET A 15 2.23 14.63 1.32
N PRO A 16 2.20 13.82 2.41
CA PRO A 16 1.99 12.39 2.21
C PRO A 16 0.72 12.12 1.44
N LYS A 17 0.76 11.12 0.58
CA LYS A 17 -0.38 10.81 -0.27
C LYS A 17 -1.34 9.90 0.46
N ILE A 18 -2.63 10.16 0.28
CA ILE A 18 -3.68 9.47 0.99
C ILE A 18 -4.16 8.30 0.16
N ILE A 19 -4.11 7.10 0.76
CA ILE A 19 -4.55 5.88 0.12
C ILE A 19 -5.77 5.38 0.86
N VAL A 20 -6.79 4.95 0.13
CA VAL A 20 -7.92 4.25 0.73
C VAL A 20 -8.01 2.85 0.08
N SER A 21 -8.57 1.89 0.80
CA SER A 21 -8.66 0.54 0.32
C SER A 21 -10.11 0.17 0.04
N LEU A 22 -10.34 -0.39 -1.16
CA LEU A 22 -11.60 -0.94 -1.58
C LEU A 22 -11.59 -2.45 -1.27
N MET A 23 -12.60 -2.84 -0.53
N MET A 23 -12.66 -2.95 -0.63
CA MET A 23 -12.75 -4.20 -0.06
CA MET A 23 -12.63 -4.33 -0.05
C MET A 23 -14.17 -4.55 -0.51
C MET A 23 -13.80 -5.29 -0.37
N GLY A 24 -14.25 -5.43 -1.49
N GLY A 24 -14.48 -5.07 -1.48
CA GLY A 24 -15.53 -5.94 -1.90
CA GLY A 24 -15.61 -5.92 -1.90
C GLY A 24 -15.40 -7.44 -2.00
N ARG A 25 -16.39 -8.17 -1.50
CA ARG A 25 -16.31 -9.63 -1.52
C ARG A 25 -16.67 -10.22 -2.91
N ASP A 26 -17.46 -9.47 -3.66
CA ASP A 26 -17.94 -9.95 -4.95
C ASP A 26 -18.07 -8.80 -5.93
N ILE A 27 -18.41 -9.15 -7.17
CA ILE A 27 -18.45 -8.18 -8.25
CA ILE A 27 -18.48 -8.19 -8.27
C ILE A 27 -19.45 -7.05 -7.94
N ASN A 28 -20.65 -7.39 -7.45
CA ASN A 28 -21.63 -6.32 -7.16
C ASN A 28 -21.19 -5.38 -6.02
N SER A 29 -20.53 -5.93 -5.03
CA SER A 29 -19.99 -5.21 -3.92
C SER A 29 -18.86 -4.26 -4.37
N VAL A 30 -17.98 -4.76 -5.23
CA VAL A 30 -16.92 -3.93 -5.79
C VAL A 30 -17.52 -2.77 -6.60
N LYS A 31 -18.54 -3.06 -7.41
CA LYS A 31 -19.21 -2.04 -8.18
C LYS A 31 -19.77 -0.96 -7.28
N ALA A 32 -20.51 -1.36 -6.26
CA ALA A 32 -21.08 -0.38 -5.34
C ALA A 32 -20.01 0.41 -4.62
N GLU A 33 -18.93 -0.24 -4.22
CA GLU A 33 -17.88 0.47 -3.52
CA GLU A 33 -17.87 0.45 -3.50
C GLU A 33 -17.18 1.43 -4.44
N ALA A 34 -16.94 1.04 -5.67
CA ALA A 34 -16.22 1.95 -6.57
C ALA A 34 -17.04 3.22 -6.80
N LEU A 35 -18.36 3.05 -6.88
CA LEU A 35 -19.21 4.20 -7.07
C LEU A 35 -19.26 5.14 -5.85
N ALA A 36 -19.20 4.59 -4.65
CA ALA A 36 -19.19 5.37 -3.43
C ALA A 36 -17.82 5.99 -3.29
N TYR A 37 -16.77 5.22 -3.58
CA TYR A 37 -15.43 5.72 -3.31
C TYR A 37 -15.06 6.90 -4.20
N ARG A 38 -15.64 6.99 -5.40
CA ARG A 38 -15.28 8.05 -6.29
C ARG A 38 -15.88 9.40 -5.79
N GLU A 39 -16.68 9.36 -4.73
CA GLU A 39 -17.15 10.57 -4.07
C GLU A 39 -16.40 10.93 -2.82
N ALA A 40 -15.28 10.25 -2.60
CA ALA A 40 -14.37 10.57 -1.51
C ALA A 40 -13.15 11.23 -2.07
N THR A 41 -12.44 12.03 -1.25
CA THR A 41 -11.23 12.70 -1.70
C THR A 41 -9.99 12.01 -1.12
N PHE A 42 -9.18 11.55 -2.06
CA PHE A 42 -7.96 10.80 -1.74
C PHE A 42 -7.07 10.75 -2.97
N ASP A 43 -5.85 10.27 -2.80
CA ASP A 43 -4.88 10.29 -3.88
C ASP A 43 -4.72 8.98 -4.66
N ILE A 44 -4.74 7.86 -3.95
CA ILE A 44 -4.50 6.54 -4.54
C ILE A 44 -5.57 5.58 -4.04
N LEU A 45 -6.08 4.78 -4.95
CA LEU A 45 -7.04 3.73 -4.63
C LEU A 45 -6.28 2.41 -4.58
N GLU A 46 -6.35 1.76 -3.42
CA GLU A 46 -5.87 0.39 -3.28
C GLU A 46 -7.03 -0.58 -3.37
N TRP A 47 -6.96 -1.54 -4.26
CA TRP A 47 -7.93 -2.64 -4.28
C TRP A 47 -7.34 -3.80 -3.47
N ARG A 48 -7.95 -4.07 -2.33
CA ARG A 48 -7.59 -5.23 -1.51
C ARG A 48 -8.25 -6.50 -2.06
N VAL A 49 -7.53 -7.11 -2.97
CA VAL A 49 -7.96 -8.25 -3.72
C VAL A 49 -8.22 -9.44 -2.81
N ASP A 50 -7.53 -9.50 -1.66
CA ASP A 50 -7.72 -10.65 -0.78
C ASP A 50 -9.10 -10.71 -0.16
N HIS A 51 -9.88 -9.63 -0.21
CA HIS A 51 -11.26 -9.64 0.28
C HIS A 51 -12.21 -10.23 -0.75
N PHE A 52 -11.75 -10.36 -2.00
CA PHE A 52 -12.56 -10.84 -3.11
C PHE A 52 -12.64 -12.34 -3.05
N MET A 53 -13.84 -12.87 -3.01
CA MET A 53 -13.98 -14.31 -2.79
C MET A 53 -13.66 -15.25 -4.00
N ASP A 54 -13.93 -14.77 -5.20
CA ASP A 54 -13.68 -15.51 -6.44
C ASP A 54 -12.24 -15.37 -6.98
N ILE A 55 -11.30 -15.52 -6.05
CA ILE A 55 -9.90 -15.28 -6.30
C ILE A 55 -9.28 -16.37 -7.19
N ALA A 56 -9.92 -17.53 -7.24
CA ALA A 56 -9.39 -18.61 -8.04
C ALA A 56 -9.43 -18.32 -9.54
N SER A 57 -10.40 -17.50 -9.95
CA SER A 57 -10.54 -17.13 -11.34
C SER A 57 -9.82 -15.84 -11.67
N THR A 58 -8.72 -15.97 -12.40
CA THR A 58 -8.00 -14.80 -12.87
C THR A 58 -8.90 -13.85 -13.64
N GLN A 59 -9.77 -14.39 -14.50
CA GLN A 59 -10.66 -13.55 -15.27
C GLN A 59 -11.72 -12.83 -14.42
N SER A 60 -12.23 -13.51 -13.39
CA SER A 60 -13.11 -12.83 -12.43
C SER A 60 -12.41 -11.66 -11.77
N VAL A 61 -11.15 -11.87 -11.39
CA VAL A 61 -10.37 -10.83 -10.77
C VAL A 61 -10.18 -9.64 -11.75
N LEU A 62 -9.85 -9.94 -13.00
CA LEU A 62 -9.67 -8.90 -14.02
C LEU A 62 -10.96 -8.15 -14.31
N THR A 63 -12.08 -8.86 -14.31
CA THR A 63 -13.37 -8.20 -14.51
C THR A 63 -13.64 -7.22 -13.39
N ALA A 64 -13.38 -7.59 -12.14
CA ALA A 64 -13.51 -6.66 -11.02
C ALA A 64 -12.55 -5.48 -11.15
N ALA A 65 -11.32 -5.73 -11.58
CA ALA A 65 -10.39 -4.62 -11.76
C ALA A 65 -10.95 -3.62 -12.76
N ARG A 66 -11.56 -4.13 -13.83
CA ARG A 66 -12.10 -3.28 -14.87
C ARG A 66 -13.29 -2.46 -14.38
N VAL A 67 -14.13 -3.05 -13.52
CA VAL A 67 -15.21 -2.29 -12.89
C VAL A 67 -14.64 -1.09 -12.15
N ILE A 68 -13.56 -1.33 -11.41
CA ILE A 68 -12.97 -0.27 -10.64
C ILE A 68 -12.41 0.86 -11.54
N ARG A 69 -11.64 0.46 -12.53
CA ARG A 69 -10.97 1.42 -13.43
C ARG A 69 -12.01 2.19 -14.21
N ASP A 70 -13.08 1.53 -14.64
CA ASP A 70 -14.15 2.26 -15.34
C ASP A 70 -14.84 3.28 -14.48
N ALA A 71 -15.04 2.97 -13.19
CA ALA A 71 -15.64 3.93 -12.27
C ALA A 71 -14.76 5.10 -12.01
N MET A 72 -13.44 4.85 -12.01
CA MET A 72 -12.42 5.86 -11.71
C MET A 72 -11.25 5.85 -12.70
N PRO A 73 -11.50 6.34 -13.91
CA PRO A 73 -10.46 6.24 -14.94
C PRO A 73 -9.19 7.03 -14.66
N ASP A 74 -9.28 8.05 -13.83
CA ASP A 74 -8.13 8.91 -13.63
C ASP A 74 -7.39 8.69 -12.33
N ILE A 75 -7.80 7.71 -11.52
CA ILE A 75 -7.16 7.49 -10.21
C ILE A 75 -5.94 6.57 -10.30
N PRO A 76 -4.84 6.90 -9.60
CA PRO A 76 -3.80 5.87 -9.42
C PRO A 76 -4.40 4.64 -8.71
N LEU A 77 -4.14 3.46 -9.27
CA LEU A 77 -4.75 2.24 -8.79
C LEU A 77 -3.64 1.25 -8.41
N LEU A 78 -3.67 0.84 -7.15
CA LEU A 78 -2.72 -0.11 -6.57
C LEU A 78 -3.47 -1.45 -6.33
N PHE A 79 -2.97 -2.52 -6.91
CA PHE A 79 -3.53 -3.86 -6.81
C PHE A 79 -2.79 -4.59 -5.69
N THR A 80 -3.50 -4.94 -4.61
CA THR A 80 -2.88 -5.57 -3.43
C THR A 80 -3.64 -6.83 -3.01
N PHE A 81 -2.98 -7.98 -3.16
CA PHE A 81 -3.40 -9.17 -2.49
C PHE A 81 -2.59 -9.28 -1.21
N ARG A 82 -3.25 -9.04 -0.06
CA ARG A 82 -2.59 -9.19 1.23
C ARG A 82 -2.82 -10.61 1.72
N SER A 83 -1.73 -11.36 1.91
CA SER A 83 -1.86 -12.73 2.36
C SER A 83 -2.31 -12.79 3.82
N ALA A 84 -2.98 -13.88 4.19
CA ALA A 84 -3.38 -14.04 5.59
C ALA A 84 -2.16 -14.05 6.51
N LYS A 85 -1.03 -14.59 6.02
CA LYS A 85 0.25 -14.63 6.78
C LYS A 85 0.60 -13.21 7.23
N GLU A 86 0.29 -12.22 6.39
CA GLU A 86 0.59 -10.83 6.71
C GLU A 86 -0.66 -10.01 7.00
N GLY A 87 -1.69 -10.68 7.51
CA GLY A 87 -2.84 -9.98 8.02
C GLY A 87 -4.04 -9.79 7.09
N GLY A 88 -3.99 -10.39 5.91
CA GLY A 88 -5.11 -10.33 4.99
C GLY A 88 -6.14 -11.43 5.22
N GLU A 89 -7.07 -11.53 4.29
CA GLU A 89 -8.27 -12.30 4.50
C GLU A 89 -8.20 -13.74 4.10
N GLN A 90 -7.28 -14.09 3.22
CA GLN A 90 -7.21 -15.48 2.79
C GLN A 90 -5.84 -15.85 2.32
N THR A 91 -5.68 -17.14 2.09
CA THR A 91 -4.43 -17.71 1.66
C THR A 91 -4.57 -18.32 0.26
N ILE A 92 -3.58 -18.07 -0.57
CA ILE A 92 -3.44 -18.70 -1.88
C ILE A 92 -1.99 -19.18 -2.02
N THR A 93 -1.77 -20.02 -3.00
CA THR A 93 -0.42 -20.50 -3.28
C THR A 93 0.43 -19.34 -3.79
N THR A 94 1.73 -19.49 -3.58
CA THR A 94 2.69 -18.54 -4.12
C THR A 94 2.55 -18.46 -5.62
N GLN A 95 2.39 -19.60 -6.29
CA GLN A 95 2.26 -19.55 -7.73
CA GLN A 95 2.19 -19.63 -7.74
C GLN A 95 0.98 -18.80 -8.14
N HIS A 96 -0.14 -19.02 -7.45
CA HIS A 96 -1.35 -18.29 -7.82
C HIS A 96 -1.23 -16.80 -7.53
N TYR A 97 -0.58 -16.45 -6.43
CA TYR A 97 -0.29 -15.04 -6.09
C TYR A 97 0.51 -14.37 -7.18
N LEU A 98 1.55 -15.03 -7.67
CA LEU A 98 2.30 -14.45 -8.74
C LEU A 98 1.52 -14.38 -10.03
N THR A 99 0.72 -15.39 -10.34
CA THR A 99 -0.15 -15.34 -11.51
C THR A 99 -1.10 -14.15 -11.46
N LEU A 100 -1.72 -13.93 -10.31
CA LEU A 100 -2.69 -12.85 -10.23
C LEU A 100 -1.98 -11.52 -10.42
N ASN A 101 -0.84 -11.36 -9.76
CA ASN A 101 -0.12 -10.13 -9.95
C ASN A 101 0.38 -9.91 -11.35
N ARG A 102 0.85 -10.95 -12.04
CA ARG A 102 1.30 -10.77 -13.41
C ARG A 102 0.12 -10.44 -14.32
N ALA A 103 -1.04 -11.05 -14.05
CA ALA A 103 -2.24 -10.76 -14.83
C ALA A 103 -2.63 -9.29 -14.67
N ALA A 104 -2.55 -8.81 -13.45
CA ALA A 104 -2.85 -7.40 -13.19
C ALA A 104 -1.91 -6.53 -13.95
N ILE A 105 -0.62 -6.83 -13.91
CA ILE A 105 0.37 -6.05 -14.66
C ILE A 105 0.04 -6.01 -16.15
N ASP A 106 -0.27 -7.18 -16.71
CA ASP A 106 -0.53 -7.31 -18.14
C ASP A 106 -1.77 -6.62 -18.61
N SER A 107 -2.72 -6.42 -17.69
CA SER A 107 -4.03 -5.86 -18.06
C SER A 107 -4.00 -4.40 -18.48
N GLY A 108 -2.96 -3.66 -18.09
CA GLY A 108 -2.93 -2.23 -18.26
C GLY A 108 -3.88 -1.43 -17.39
N LEU A 109 -4.60 -2.13 -16.52
CA LEU A 109 -5.63 -1.51 -15.70
C LEU A 109 -5.07 -0.94 -14.42
N VAL A 110 -3.92 -1.42 -13.97
CA VAL A 110 -3.41 -0.94 -12.70
C VAL A 110 -2.08 -0.24 -12.88
N ASP A 111 -1.83 0.73 -12.00
CA ASP A 111 -0.61 1.51 -12.06
C ASP A 111 0.49 0.95 -11.21
N MET A 112 0.10 0.25 -10.15
CA MET A 112 1.04 -0.26 -9.14
CA MET A 112 1.04 -0.28 -9.14
C MET A 112 0.52 -1.62 -8.66
N ILE A 113 1.46 -2.47 -8.28
CA ILE A 113 1.14 -3.68 -7.52
C ILE A 113 1.89 -3.67 -6.21
N ASP A 114 1.32 -4.39 -5.24
CA ASP A 114 1.98 -4.66 -3.97
C ASP A 114 2.59 -6.09 -4.08
N LEU A 115 3.84 -6.22 -3.70
CA LEU A 115 4.48 -7.55 -3.56
C LEU A 115 5.01 -7.63 -2.15
N GLU A 116 4.72 -8.73 -1.47
CA GLU A 116 5.24 -8.94 -0.14
C GLU A 116 6.68 -9.44 -0.16
N LEU A 117 7.56 -8.75 0.53
CA LEU A 117 8.98 -9.08 0.56
C LEU A 117 9.24 -10.56 0.89
N PHE A 118 8.52 -11.06 1.87
CA PHE A 118 8.72 -12.44 2.36
C PHE A 118 8.06 -13.52 1.51
N THR A 119 7.59 -13.16 0.33
CA THR A 119 7.18 -14.16 -0.66
C THR A 119 8.38 -15.01 -1.05
N GLY A 120 9.58 -14.39 -0.99
CA GLY A 120 10.84 -15.06 -1.33
C GLY A 120 11.61 -14.21 -2.32
N ASP A 121 12.91 -14.05 -2.09
CA ASP A 121 13.70 -13.09 -2.86
C ASP A 121 13.66 -13.32 -4.35
N ALA A 122 13.83 -14.58 -4.79
CA ALA A 122 13.97 -14.82 -6.21
C ALA A 122 12.65 -14.52 -6.94
N ASP A 123 11.53 -14.95 -6.35
CA ASP A 123 10.20 -14.72 -6.93
C ASP A 123 9.89 -13.23 -6.92
N VAL A 124 10.23 -12.55 -5.81
CA VAL A 124 9.96 -11.11 -5.77
C VAL A 124 10.77 -10.39 -6.84
N LYS A 125 12.07 -10.66 -6.93
CA LYS A 125 12.90 -9.97 -7.89
C LYS A 125 12.40 -10.18 -9.33
N ALA A 126 12.01 -11.41 -9.65
CA ALA A 126 11.55 -11.72 -11.01
C ALA A 126 10.25 -10.99 -11.31
N THR A 127 9.39 -10.86 -10.31
CA THR A 127 8.10 -10.20 -10.51
C THR A 127 8.28 -8.71 -10.57
N VAL A 128 9.18 -8.16 -9.77
CA VAL A 128 9.55 -6.76 -9.92
C VAL A 128 10.05 -6.45 -11.34
N ASP A 129 10.89 -7.33 -11.86
CA ASP A 129 11.40 -7.15 -13.21
C ASP A 129 10.27 -7.15 -14.23
N TYR A 130 9.33 -8.10 -14.08
CA TYR A 130 8.14 -8.17 -14.93
C TYR A 130 7.30 -6.89 -14.88
N ALA A 131 7.06 -6.39 -13.67
CA ALA A 131 6.29 -5.17 -13.52
C ALA A 131 6.99 -4.01 -14.25
N HIS A 132 8.30 -3.87 -14.01
CA HIS A 132 9.03 -2.78 -14.62
C HIS A 132 9.06 -2.83 -16.14
N ALA A 133 9.10 -4.05 -16.66
CA ALA A 133 9.09 -4.23 -18.11
C ALA A 133 7.76 -3.81 -18.73
N HIS A 134 6.73 -3.71 -17.91
CA HIS A 134 5.40 -3.38 -18.34
C HIS A 134 4.92 -2.07 -17.74
N ASN A 135 5.88 -1.25 -17.28
CA ASN A 135 5.60 0.09 -16.79
CA ASN A 135 5.60 0.11 -16.80
C ASN A 135 4.60 0.14 -15.64
N VAL A 136 4.75 -0.80 -14.72
CA VAL A 136 3.96 -0.85 -13.46
C VAL A 136 4.94 -0.74 -12.30
N TYR A 137 4.61 0.10 -11.33
CA TYR A 137 5.48 0.29 -10.18
C TYR A 137 5.12 -0.74 -9.09
N VAL A 138 6.10 -1.00 -8.20
CA VAL A 138 5.94 -1.96 -7.13
C VAL A 138 6.06 -1.27 -5.77
N VAL A 139 5.02 -1.44 -4.99
CA VAL A 139 5.06 -1.19 -3.55
C VAL A 139 5.45 -2.53 -2.94
N MET A 140 6.61 -2.61 -2.32
CA MET A 140 7.04 -3.87 -1.71
C MET A 140 6.80 -3.75 -0.24
N SER A 141 6.13 -4.76 0.35
CA SER A 141 5.57 -4.59 1.66
C SER A 141 5.92 -5.66 2.64
N ASN A 142 5.77 -5.31 3.91
CA ASN A 142 5.93 -6.24 5.01
C ASN A 142 5.06 -5.77 6.12
N HIS A 143 4.52 -6.74 6.85
CA HIS A 143 3.63 -6.50 7.99
C HIS A 143 4.00 -7.35 9.12
N ASP A 144 3.99 -6.74 10.29
CA ASP A 144 4.11 -7.52 11.55
C ASP A 144 2.96 -7.16 12.42
N PHE A 145 1.96 -8.04 12.47
CA PHE A 145 0.77 -7.79 13.26
C PHE A 145 0.86 -8.16 14.73
N HIS A 146 2.01 -8.69 15.12
CA HIS A 146 2.21 -9.09 16.51
C HIS A 146 3.06 -8.07 17.29
N GLN A 147 4.13 -7.59 16.68
CA GLN A 147 5.11 -6.78 17.41
C GLN A 147 5.85 -5.84 16.49
N THR A 148 6.70 -5.01 17.10
CA THR A 148 7.53 -4.07 16.39
C THR A 148 8.98 -4.51 16.45
N PRO A 149 9.61 -4.79 15.29
CA PRO A 149 11.04 -5.08 15.30
C PRO A 149 11.83 -3.87 15.78
N SER A 150 13.11 -4.06 16.01
CA SER A 150 13.97 -2.95 16.33
C SER A 150 14.05 -1.97 15.13
N ALA A 151 14.42 -0.73 15.43
CA ALA A 151 14.57 0.22 14.36
C ALA A 151 15.63 -0.26 13.38
N GLU A 152 16.73 -0.80 13.89
CA GLU A 152 17.82 -1.25 13.00
C GLU A 152 17.30 -2.36 12.09
N GLU A 153 16.46 -3.24 12.62
CA GLU A 153 15.91 -4.37 11.85
C GLU A 153 14.97 -3.82 10.75
N MET A 154 14.13 -2.85 11.12
CA MET A 154 13.18 -2.26 10.17
C MET A 154 13.90 -1.53 9.05
N VAL A 155 14.97 -0.78 9.38
CA VAL A 155 15.76 -0.14 8.36
C VAL A 155 16.37 -1.16 7.41
N LEU A 156 16.97 -2.21 7.96
CA LEU A 156 17.56 -3.23 7.10
C LEU A 156 16.51 -3.91 6.21
N ARG A 157 15.31 -4.09 6.74
CA ARG A 157 14.21 -4.69 5.96
C ARG A 157 13.81 -3.77 4.78
N LEU A 158 13.64 -2.49 5.06
CA LEU A 158 13.32 -1.54 4.03
C LEU A 158 14.45 -1.39 3.00
N ARG A 159 15.69 -1.41 3.46
CA ARG A 159 16.83 -1.37 2.54
C ARG A 159 16.88 -2.60 1.62
N LYS A 160 16.48 -3.75 2.15
CA LYS A 160 16.49 -4.95 1.36
C LYS A 160 15.41 -4.84 0.26
N MET A 161 14.28 -4.21 0.59
CA MET A 161 13.23 -4.03 -0.40
C MET A 161 13.78 -3.16 -1.54
N GLN A 162 14.50 -2.11 -1.18
CA GLN A 162 15.13 -1.20 -2.14
CA GLN A 162 15.07 -1.27 -2.21
C GLN A 162 16.08 -2.05 -3.05
N ALA A 163 16.89 -2.89 -2.42
CA ALA A 163 17.88 -3.71 -3.13
C ALA A 163 17.23 -4.67 -4.13
N LEU A 164 16.02 -5.09 -3.81
CA LEU A 164 15.30 -5.97 -4.68
C LEU A 164 14.52 -5.24 -5.76
N GLY A 165 14.61 -3.92 -5.83
CA GLY A 165 13.97 -3.19 -6.90
C GLY A 165 12.68 -2.50 -6.58
N ALA A 166 12.27 -2.56 -5.31
CA ALA A 166 11.04 -1.86 -4.91
C ALA A 166 11.06 -0.39 -5.34
N ASP A 167 9.95 0.09 -5.91
CA ASP A 167 9.82 1.52 -6.12
C ASP A 167 9.49 2.22 -4.84
N ILE A 168 8.66 1.60 -4.02
CA ILE A 168 8.23 2.14 -2.75
C ILE A 168 8.18 1.02 -1.68
N PRO A 169 9.22 0.88 -0.87
CA PRO A 169 9.16 0.02 0.31
C PRO A 169 8.10 0.45 1.28
N LYS A 170 7.47 -0.54 1.89
CA LYS A 170 6.39 -0.32 2.85
C LYS A 170 6.51 -1.26 4.03
N ILE A 171 6.38 -0.73 5.24
CA ILE A 171 6.33 -1.59 6.43
C ILE A 171 5.25 -1.07 7.38
N ALA A 172 4.45 -2.02 7.89
CA ALA A 172 3.46 -1.79 8.91
C ALA A 172 3.70 -2.72 10.07
N VAL A 173 3.77 -2.16 11.26
CA VAL A 173 4.14 -2.89 12.46
C VAL A 173 3.18 -2.59 13.60
N MET A 174 3.01 -3.56 14.49
CA MET A 174 2.07 -3.47 15.58
C MET A 174 2.79 -3.07 16.87
N PRO A 175 2.43 -1.92 17.45
CA PRO A 175 3.08 -1.54 18.71
C PRO A 175 2.52 -2.37 19.87
N GLN A 176 3.41 -2.76 20.78
CA GLN A 176 3.00 -3.33 22.05
C GLN A 176 3.19 -2.38 23.20
N SER A 177 3.60 -1.15 22.89
CA SER A 177 3.85 -0.11 23.87
C SER A 177 3.93 1.19 23.07
N LYS A 178 3.85 2.31 23.79
CA LYS A 178 4.02 3.61 23.14
C LYS A 178 5.47 3.79 22.66
N HIS A 179 6.40 3.17 23.39
CA HIS A 179 7.80 3.23 22.98
C HIS A 179 7.97 2.63 21.56
N ASP A 180 7.23 1.56 21.26
CA ASP A 180 7.30 0.96 19.95
C ASP A 180 6.86 1.89 18.82
N VAL A 181 5.97 2.82 19.14
CA VAL A 181 5.55 3.83 18.15
C VAL A 181 6.72 4.78 17.83
N LEU A 182 7.45 5.19 18.87
CA LEU A 182 8.63 5.98 18.65
C LEU A 182 9.71 5.21 17.88
N THR A 183 9.85 3.91 18.11
CA THR A 183 10.78 3.10 17.33
C THR A 183 10.48 3.15 15.86
N LEU A 184 9.21 3.01 15.52
CA LEU A 184 8.81 3.08 14.12
C LEU A 184 9.11 4.44 13.50
N LEU A 185 8.82 5.52 14.25
CA LEU A 185 9.19 6.85 13.76
C LEU A 185 10.70 7.03 13.61
N THR A 186 11.45 6.45 14.54
CA THR A 186 12.92 6.49 14.49
C THR A 186 13.46 5.84 13.22
N ALA A 187 12.91 4.68 12.87
CA ALA A 187 13.37 3.94 11.69
C ALA A 187 13.00 4.72 10.44
N THR A 188 11.81 5.32 10.48
CA THR A 188 11.33 6.13 9.36
C THR A 188 12.29 7.29 9.06
N LEU A 189 12.62 7.99 10.14
CA LEU A 189 13.55 9.12 10.06
C LEU A 189 14.93 8.69 9.61
N GLU A 190 15.40 7.52 10.04
CA GLU A 190 16.69 7.04 9.62
C GLU A 190 16.73 6.82 8.11
N MET A 191 15.64 6.31 7.55
CA MET A 191 15.57 6.18 6.09
C MET A 191 15.62 7.54 5.43
N GLN A 192 14.90 8.52 5.94
CA GLN A 192 14.87 9.85 5.33
C GLN A 192 16.21 10.51 5.38
N GLN A 193 16.96 10.28 6.46
CA GLN A 193 18.21 11.02 6.66
C GLN A 193 19.41 10.31 6.03
N HIS A 194 19.33 8.98 5.93
CA HIS A 194 20.50 8.17 5.54
C HIS A 194 20.32 7.19 4.41
N TYR A 195 19.07 6.88 4.05
CA TYR A 195 18.79 5.88 3.01
C TYR A 195 17.63 6.39 2.15
N ALA A 196 17.79 7.63 1.68
CA ALA A 196 16.74 8.34 0.98
C ALA A 196 16.74 8.12 -0.55
N ASP A 197 16.85 6.89 -1.00
CA ASP A 197 16.82 6.59 -2.43
C ASP A 197 15.47 6.40 -3.02
N ARG A 198 14.55 5.87 -2.21
CA ARG A 198 13.19 5.57 -2.64
CA ARG A 198 13.19 5.57 -2.64
C ARG A 198 12.23 6.14 -1.61
N PRO A 199 11.03 6.59 -2.03
CA PRO A 199 9.99 6.95 -1.03
C PRO A 199 9.66 5.65 -0.23
N VAL A 200 9.41 5.78 1.07
CA VAL A 200 8.96 4.68 1.89
C VAL A 200 7.63 5.02 2.55
N ILE A 201 6.83 3.98 2.78
CA ILE A 201 5.61 4.13 3.49
C ILE A 201 5.78 3.35 4.79
N THR A 202 5.53 3.99 5.93
CA THR A 202 5.64 3.32 7.21
C THR A 202 4.45 3.65 8.06
N MET A 203 4.12 2.71 8.94
CA MET A 203 3.07 2.95 9.92
C MET A 203 3.21 2.01 11.09
N SER A 204 2.87 2.56 12.27
CA SER A 204 2.60 1.81 13.46
C SER A 204 1.09 1.71 13.57
N MET A 205 0.61 0.48 13.70
CA MET A 205 -0.81 0.21 13.64
C MET A 205 -1.48 0.50 14.99
N ALA A 206 -2.80 0.34 14.99
CA ALA A 206 -3.65 0.45 16.15
C ALA A 206 -3.80 1.89 16.62
N LYS A 207 -4.63 2.06 17.67
CA LYS A 207 -4.89 3.38 18.21
C LYS A 207 -3.60 4.07 18.65
N GLU A 208 -2.77 3.31 19.33
CA GLU A 208 -1.52 3.81 19.88
C GLU A 208 -0.60 4.36 18.78
N GLY A 209 -0.68 3.76 17.60
CA GLY A 209 0.19 4.13 16.53
C GLY A 209 -0.31 5.25 15.64
N VAL A 210 -1.52 5.76 15.89
CA VAL A 210 -2.20 6.69 14.97
CA VAL A 210 -2.17 6.66 14.93
C VAL A 210 -1.33 7.90 14.61
N ILE A 211 -0.57 8.39 15.56
CA ILE A 211 0.29 9.51 15.25
C ILE A 211 1.24 9.24 14.06
N SER A 212 1.68 8.00 13.86
CA SER A 212 2.51 7.64 12.68
C SER A 212 1.82 7.81 11.35
N ARG A 213 0.50 7.74 11.38
CA ARG A 213 -0.29 7.93 10.17
C ARG A 213 -0.49 9.39 9.83
N LEU A 214 -0.15 10.27 10.76
CA LEU A 214 -0.38 11.72 10.65
C LEU A 214 0.90 12.47 10.39
N ALA A 215 2.03 11.95 10.89
CA ALA A 215 3.34 12.64 10.89
C ALA A 215 4.30 12.27 9.77
N GLY A 216 3.75 11.82 8.66
CA GLY A 216 4.56 11.39 7.54
C GLY A 216 5.42 12.46 6.93
N GLU A 217 4.95 13.72 6.95
CA GLU A 217 5.67 14.70 6.22
C GLU A 217 6.96 15.04 6.96
N VAL A 218 6.90 15.13 8.29
CA VAL A 218 8.12 15.48 9.01
C VAL A 218 9.11 14.32 9.09
N PHE A 219 8.66 13.10 9.35
CA PHE A 219 9.64 11.99 9.57
C PHE A 219 9.91 11.14 8.34
N GLY A 220 9.10 11.26 7.28
CA GLY A 220 9.47 10.65 6.01
C GLY A 220 8.65 9.45 5.57
N SER A 221 7.36 9.40 5.89
CA SER A 221 6.46 8.41 5.25
C SER A 221 5.73 9.08 4.10
N ALA A 222 5.82 8.50 2.90
CA ALA A 222 5.37 9.12 1.65
C ALA A 222 3.86 8.99 1.39
N ALA A 223 3.21 8.08 2.13
CA ALA A 223 1.78 7.86 1.99
C ALA A 223 1.20 7.37 3.32
N THR A 224 -0.11 7.48 3.44
CA THR A 224 -0.82 7.10 4.64
C THR A 224 -2.21 6.65 4.21
N PHE A 225 -2.77 5.72 4.97
CA PHE A 225 -4.06 5.11 4.64
C PHE A 225 -5.14 5.68 5.55
N GLY A 226 -6.28 6.02 4.96
CA GLY A 226 -7.48 6.42 5.66
C GLY A 226 -8.63 5.48 5.31
N ALA A 227 -9.69 5.52 6.11
CA ALA A 227 -10.88 4.71 5.93
C ALA A 227 -12.01 5.52 5.32
N VAL A 228 -12.68 4.93 4.33
CA VAL A 228 -13.88 5.55 3.75
C VAL A 228 -15.08 5.26 4.66
N LYS A 229 -15.40 3.99 4.86
CA LYS A 229 -16.34 3.59 5.92
C LYS A 229 -15.78 2.58 6.94
N GLN A 230 -14.99 1.62 6.44
CA GLN A 230 -14.38 0.58 7.27
C GLN A 230 -12.86 0.61 7.07
N ALA A 231 -12.10 0.45 8.16
CA ALA A 231 -10.63 0.40 8.07
C ALA A 231 -10.21 -0.87 7.40
N SER A 232 -9.15 -0.76 6.60
CA SER A 232 -8.50 -1.93 6.00
C SER A 232 -7.32 -2.45 6.85
N ALA A 233 -7.00 -1.73 7.93
CA ALA A 233 -6.06 -2.17 8.95
C ALA A 233 -6.32 -1.40 10.24
N PRO A 234 -5.94 -1.99 11.40
CA PRO A 234 -6.18 -1.27 12.66
C PRO A 234 -5.47 0.06 12.75
N GLY A 235 -6.18 1.09 13.22
CA GLY A 235 -5.59 2.40 13.41
C GLY A 235 -5.94 3.45 12.39
N GLN A 236 -6.42 3.04 11.20
CA GLN A 236 -6.83 4.03 10.24
C GLN A 236 -8.01 4.82 10.77
N ILE A 237 -7.98 6.12 10.48
CA ILE A 237 -9.04 7.03 10.80
C ILE A 237 -9.79 7.44 9.54
N ALA A 238 -10.93 8.08 9.75
CA ALA A 238 -11.77 8.57 8.67
C ALA A 238 -10.98 9.40 7.71
N VAL A 239 -11.11 9.13 6.42
CA VAL A 239 -10.26 9.75 5.45
C VAL A 239 -10.32 11.31 5.43
N ASN A 240 -11.50 11.85 5.66
CA ASN A 240 -11.63 13.29 5.70
C ASN A 240 -10.85 13.90 6.86
N ASP A 241 -10.84 13.23 8.01
CA ASP A 241 -10.10 13.71 9.19
C ASP A 241 -8.60 13.58 8.93
N LEU A 242 -8.21 12.45 8.34
CA LEU A 242 -6.82 12.29 7.95
C LEU A 242 -6.37 13.47 7.08
N ARG A 243 -7.17 13.79 6.05
CA ARG A 243 -6.82 14.87 5.15
C ARG A 243 -6.72 16.22 5.88
N SER A 244 -7.63 16.48 6.81
CA SER A 244 -7.59 17.73 7.57
C SER A 244 -6.26 17.90 8.30
N VAL A 245 -5.84 16.83 8.98
CA VAL A 245 -4.59 16.84 9.74
C VAL A 245 -3.38 17.03 8.84
N LEU A 246 -3.32 16.29 7.72
CA LEU A 246 -2.17 16.40 6.82
C LEU A 246 -2.03 17.83 6.34
N MET A 247 -3.17 18.44 6.03
CA MET A 247 -3.12 19.80 5.49
CA MET A 247 -3.17 19.81 5.51
C MET A 247 -2.63 20.80 6.55
N ILE A 248 -3.10 20.64 7.77
CA ILE A 248 -2.64 21.51 8.86
C ILE A 248 -1.13 21.38 9.08
N LEU A 249 -0.63 20.14 9.07
CA LEU A 249 0.81 19.93 9.26
C LEU A 249 1.63 20.50 8.13
N HIS A 250 1.12 20.37 6.89
CA HIS A 250 1.82 20.81 5.71
C HIS A 250 1.97 22.34 5.74
N ASN A 251 0.94 22.99 6.25
CA ASN A 251 0.86 24.44 6.24
C ASN A 251 1.28 25.08 7.55
N ALA A 252 1.68 24.27 8.53
CA ALA A 252 2.02 24.80 9.86
C ALA A 252 3.17 25.84 9.75
CAP FT5 B . -1.09 -1.79 3.84
OAF FT5 B . -0.74 -3.16 4.25
CAJ FT5 B . -1.17 -0.81 4.99
CAN FT5 B . -2.36 -1.12 5.80
CAL FT5 B . -2.40 -0.11 6.97
OAC FT5 B . -3.03 0.96 6.80
OAB FT5 B . -1.78 -0.42 8.04
CAI FT5 B . -3.58 -1.10 4.91
CAM FT5 B . -3.47 -2.18 3.84
OAD FT5 B . -4.69 -2.25 3.06
CAO FT5 B . -2.32 -1.83 2.93
OAE FT5 B . -2.08 -2.83 1.99
#